data_5TKH
#
_entry.id   5TKH
#
_cell.length_a   67.170
_cell.length_b   42.240
_cell.length_c   69.370
_cell.angle_alpha   90.000
_cell.angle_beta   98.650
_cell.angle_gamma   90.000
#
_symmetry.space_group_name_H-M   'P 1 21 1'
#
loop_
_entity.id
_entity.type
_entity.pdbx_description
1 polymer 'Lytic polysaccharide monooxygenase'
2 branched 2-acetamido-2-deoxy-beta-D-glucopyranose-(1-4)-2-acetamido-2-deoxy-beta-D-glucopyranose
3 non-polymer 'COPPER (II) ION'
4 non-polymer 'PEROXIDE ION'
5 non-polymer 'OXYGEN MOLECULE'
6 water water
#
_entity_poly.entity_id   1
_entity_poly.type   'polypeptide(L)'
_entity_poly.pdbx_seq_one_letter_code
;HTIFSSLEVNGVNQGLGEGVRVPTYNGPIEDVTSASIACNGSPNTVASTSKVITVQAGTNVTAIWRYMLSTTGDSPADVM
DSSHKGPTIAYLKKVDNAATASGVGNGWFKIQQDGMDSSGVWGTERVINGKGRHSIKIPECIAPGQYLLRAEMIALHAAS
NYPGAQFYMECAQLNVVGGTGAKTPSTVSFPGAYSGSDPGVKISIYWPPVTSYTVPGPSVFTC
;
_entity_poly.pdbx_strand_id   A,B
#
# COMPACT_ATOMS: atom_id res chain seq x y z
N HIS A 1 -4.14 2.24 6.40
CA HIS A 1 -2.74 2.65 6.51
C HIS A 1 -2.44 2.95 7.97
N THR A 2 -1.59 2.12 8.57
CA THR A 2 -1.35 2.14 10.00
C THR A 2 -0.13 1.27 10.26
N ILE A 3 0.47 1.47 11.44
CA ILE A 3 1.65 0.73 11.89
C ILE A 3 1.51 0.44 13.39
N PHE A 4 1.74 -0.82 13.77
CA PHE A 4 1.96 -1.22 15.17
C PHE A 4 3.41 -0.83 15.45
N SER A 5 3.59 0.34 16.06
CA SER A 5 4.92 0.93 16.14
C SER A 5 5.54 0.91 17.51
N SER A 6 4.81 0.47 18.54
CA SER A 6 5.36 0.32 19.88
C SER A 6 4.45 -0.60 20.67
N LEU A 7 5.03 -1.20 21.72
CA LEU A 7 4.32 -2.15 22.58
C LEU A 7 4.36 -1.68 24.03
N GLU A 8 3.22 -1.74 24.70
CA GLU A 8 3.13 -1.47 26.11
C GLU A 8 3.17 -2.79 26.87
N VAL A 9 4.07 -2.86 27.86
CA VAL A 9 4.26 -4.05 28.67
C VAL A 9 4.39 -3.59 30.11
N ASN A 10 3.73 -4.29 31.01
CA ASN A 10 3.66 -3.88 32.41
C ASN A 10 3.19 -2.45 32.54
N GLY A 11 2.31 -2.04 31.64
CA GLY A 11 1.77 -0.69 31.67
C GLY A 11 2.70 0.40 31.18
N VAL A 12 3.85 0.05 30.61
CA VAL A 12 4.86 1.02 30.18
C VAL A 12 5.13 0.84 28.70
N ASN A 13 5.06 1.93 27.94
CA ASN A 13 5.39 1.87 26.53
C ASN A 13 6.89 1.65 26.36
N GLN A 14 7.27 0.68 25.53
CA GLN A 14 8.67 0.29 25.40
C GLN A 14 9.45 1.13 24.40
N GLY A 15 8.79 2.04 23.69
CA GLY A 15 9.46 2.96 22.81
C GLY A 15 9.18 2.68 21.33
N LEU A 16 9.32 3.73 20.52
N LEU A 16 9.33 3.73 20.54
CA LEU A 16 9.00 3.64 19.10
CA LEU A 16 9.01 3.64 19.11
C LEU A 16 10.00 2.75 18.38
C LEU A 16 10.00 2.74 18.41
N GLY A 17 9.51 1.65 17.81
CA GLY A 17 10.38 0.72 17.13
C GLY A 17 11.34 0.00 18.05
N GLU A 18 11.08 -0.03 19.36
CA GLU A 18 11.94 -0.67 20.35
C GLU A 18 11.35 -2.03 20.67
N GLY A 19 11.97 -3.08 20.13
CA GLY A 19 11.41 -4.41 20.30
C GLY A 19 10.27 -4.71 19.36
N VAL A 20 9.92 -3.77 18.48
CA VAL A 20 8.93 -3.97 17.43
C VAL A 20 9.64 -3.65 16.13
N ARG A 21 9.54 -4.54 15.16
CA ARG A 21 10.20 -4.39 13.86
C ARG A 21 9.29 -3.54 12.98
N VAL A 22 9.63 -2.28 12.82
CA VAL A 22 8.71 -1.35 12.17
C VAL A 22 9.10 -1.06 10.73
N PRO A 23 8.11 -0.99 9.85
CA PRO A 23 8.34 -0.59 8.48
C PRO A 23 8.44 0.89 8.42
N THR A 24 9.10 1.34 7.35
CA THR A 24 9.21 2.75 7.07
C THR A 24 7.90 3.34 6.59
N TYR A 25 7.12 2.60 5.84
N TYR A 25 7.08 2.54 5.91
CA TYR A 25 5.87 3.05 5.27
CA TYR A 25 5.90 2.96 5.19
C TYR A 25 4.70 2.30 5.88
C TYR A 25 4.69 2.25 5.80
N ASN A 26 3.54 2.95 5.88
CA ASN A 26 2.35 2.44 6.52
C ASN A 26 1.41 1.64 5.61
N GLY A 27 1.84 1.32 4.39
CA GLY A 27 0.97 0.62 3.47
C GLY A 27 0.81 -0.86 3.79
N PRO A 28 -0.24 -1.47 3.27
CA PRO A 28 -0.55 -2.87 3.58
C PRO A 28 0.20 -3.86 2.70
N ILE A 29 0.30 -5.09 3.21
CA ILE A 29 0.57 -6.25 2.38
C ILE A 29 -0.76 -6.71 1.81
N GLU A 30 -0.77 -7.09 0.54
N GLU A 30 -0.78 -7.10 0.56
CA GLU A 30 -1.96 -7.52 -0.18
CA GLU A 30 -2.00 -7.61 -0.07
C GLU A 30 -1.81 -8.88 -0.87
C GLU A 30 -1.87 -9.06 -0.55
N ASP A 31 -0.66 -9.56 -0.70
CA ASP A 31 -0.42 -10.89 -1.22
C ASP A 31 -0.21 -11.85 -0.05
N VAL A 32 -1.22 -12.67 0.26
CA VAL A 32 -1.12 -13.57 1.41
C VAL A 32 -0.13 -14.70 1.19
N THR A 33 0.35 -14.90 -0.04
CA THR A 33 1.35 -15.92 -0.32
C THR A 33 2.77 -15.43 -0.14
N SER A 34 2.98 -14.13 0.06
CA SER A 34 4.30 -13.56 0.19
C SER A 34 4.90 -13.84 1.55
N ALA A 35 6.24 -13.97 1.59
CA ALA A 35 6.95 -14.03 2.86
C ALA A 35 6.64 -12.81 3.73
N SER A 36 6.28 -11.70 3.10
CA SER A 36 5.98 -10.47 3.84
C SER A 36 4.73 -10.55 4.70
N ILE A 37 3.87 -11.54 4.49
CA ILE A 37 2.67 -11.65 5.31
C ILE A 37 3.02 -12.01 6.76
N ALA A 38 4.19 -12.58 7.02
CA ALA A 38 4.55 -12.98 8.38
C ALA A 38 4.79 -11.77 9.28
N CYS A 39 5.82 -10.96 8.96
CA CYS A 39 6.25 -9.84 9.78
C CYS A 39 6.40 -8.58 8.94
N ASN A 40 5.60 -8.44 7.89
CA ASN A 40 5.74 -7.33 6.96
C ASN A 40 7.03 -7.52 6.14
N GLY A 41 7.31 -6.64 5.20
CA GLY A 41 8.48 -6.81 4.36
C GLY A 41 8.24 -6.23 2.98
N SER A 42 9.07 -6.67 2.05
CA SER A 42 9.03 -6.22 0.68
C SER A 42 7.60 -6.25 0.15
N PRO A 43 7.18 -5.20 -0.58
CA PRO A 43 7.96 -4.07 -1.12
C PRO A 43 8.24 -2.93 -0.13
N ASN A 44 7.80 -3.09 1.12
CA ASN A 44 8.18 -2.21 2.21
C ASN A 44 9.59 -2.57 2.67
N THR A 45 10.07 -1.83 3.67
N THR A 45 10.11 -1.81 3.61
CA THR A 45 11.37 -2.07 4.31
CA THR A 45 11.33 -2.20 4.30
C THR A 45 11.17 -2.04 5.83
C THR A 45 11.05 -2.14 5.79
N VAL A 46 11.57 -3.12 6.50
CA VAL A 46 11.32 -3.28 7.92
C VAL A 46 12.64 -3.17 8.65
N ALA A 47 12.66 -2.38 9.72
CA ALA A 47 13.87 -2.20 10.52
C ALA A 47 14.04 -3.31 11.55
N SER A 48 15.29 -3.72 11.77
N SER A 48 15.28 -3.71 11.76
CA SER A 48 15.63 -4.62 12.86
CA SER A 48 15.58 -4.59 12.87
C SER A 48 15.82 -3.85 14.14
C SER A 48 15.53 -3.80 14.18
N THR A 49 15.62 -4.54 15.27
CA THR A 49 15.73 -3.94 16.58
C THR A 49 16.40 -4.97 17.49
N SER A 50 17.33 -4.51 18.33
N SER A 50 17.32 -4.51 18.33
CA SER A 50 18.03 -5.41 19.23
CA SER A 50 18.04 -5.42 19.20
C SER A 50 17.21 -5.78 20.46
C SER A 50 17.30 -5.71 20.50
N LYS A 51 16.24 -4.96 20.83
N LYS A 51 16.23 -4.99 20.80
CA LYS A 51 15.54 -5.12 22.10
CA LYS A 51 15.56 -5.14 22.08
C LYS A 51 14.62 -6.33 22.07
C LYS A 51 14.61 -6.33 22.06
N VAL A 52 14.73 -7.16 23.10
CA VAL A 52 13.81 -8.28 23.32
C VAL A 52 13.13 -7.96 24.65
N ILE A 53 11.80 -7.84 24.63
CA ILE A 53 11.04 -7.32 25.76
C ILE A 53 10.62 -8.47 26.67
N THR A 54 10.99 -8.40 27.94
CA THR A 54 10.54 -9.38 28.91
C THR A 54 9.08 -9.14 29.25
N VAL A 55 8.31 -10.22 29.26
N VAL A 55 8.30 -10.22 29.27
CA VAL A 55 6.89 -10.18 29.58
CA VAL A 55 6.88 -10.15 29.61
C VAL A 55 6.60 -11.34 30.54
C VAL A 55 6.52 -11.35 30.48
N GLN A 56 5.71 -11.11 31.49
CA GLN A 56 5.27 -12.20 32.37
C GLN A 56 4.12 -12.95 31.71
N ALA A 57 4.26 -14.26 31.60
CA ALA A 57 3.19 -15.07 31.05
C ALA A 57 1.90 -14.86 31.83
N GLY A 58 0.78 -14.80 31.12
CA GLY A 58 -0.52 -14.55 31.69
C GLY A 58 -0.95 -13.10 31.72
N THR A 59 -0.02 -12.18 31.54
CA THR A 59 -0.36 -10.77 31.54
C THR A 59 -0.63 -10.29 30.12
N ASN A 60 -1.18 -9.09 30.03
CA ASN A 60 -1.46 -8.49 28.73
C ASN A 60 -0.34 -7.57 28.31
N VAL A 61 -0.16 -7.52 27.01
CA VAL A 61 0.62 -6.49 26.36
C VAL A 61 -0.35 -5.74 25.49
N THR A 62 0.01 -4.51 25.12
CA THR A 62 -0.87 -3.71 24.29
C THR A 62 -0.09 -3.17 23.10
N ALA A 63 -0.47 -3.62 21.92
CA ALA A 63 0.07 -3.04 20.70
C ALA A 63 -0.53 -1.66 20.51
N ILE A 64 0.30 -0.70 20.17
CA ILE A 64 -0.12 0.69 20.00
C ILE A 64 -0.01 1.06 18.52
N TRP A 65 -1.17 1.17 17.87
CA TRP A 65 -1.26 1.43 16.45
C TRP A 65 -1.32 2.94 16.20
N ARG A 66 -0.59 3.36 15.16
CA ARG A 66 -0.50 4.76 14.75
C ARG A 66 -0.48 4.85 13.24
N TYR A 67 -0.96 5.98 12.73
CA TYR A 67 -1.03 6.19 11.30
C TYR A 67 0.35 6.08 10.65
N MET A 68 1.34 6.79 11.20
N MET A 68 1.35 6.78 11.21
CA MET A 68 2.72 6.82 10.70
CA MET A 68 2.71 6.74 10.72
C MET A 68 3.66 6.76 11.89
C MET A 68 3.65 6.69 11.91
N LEU A 69 4.94 6.43 11.64
CA LEU A 69 5.92 6.39 12.72
C LEU A 69 5.98 7.71 13.47
N SER A 70 5.86 8.82 12.75
N SER A 70 5.87 8.82 12.76
CA SER A 70 6.03 10.15 13.31
CA SER A 70 6.04 10.15 13.35
C SER A 70 4.73 10.75 13.86
C SER A 70 4.76 10.68 14.00
N THR A 71 3.64 9.98 13.89
CA THR A 71 2.38 10.48 14.44
C THR A 71 2.52 10.77 15.93
N THR A 72 1.99 11.92 16.37
CA THR A 72 2.12 12.28 17.79
C THR A 72 0.82 12.28 18.58
N GLY A 73 -0.33 12.07 17.96
CA GLY A 73 -1.59 12.04 18.67
C GLY A 73 -2.18 10.64 18.73
N ASP A 74 -3.40 10.56 19.32
CA ASP A 74 -4.09 9.28 19.43
C ASP A 74 -5.56 9.36 19.06
N SER A 75 -5.96 10.40 18.32
N SER A 75 -5.97 10.39 18.34
CA SER A 75 -7.32 10.50 17.83
CA SER A 75 -7.33 10.48 17.86
C SER A 75 -7.54 9.48 16.72
C SER A 75 -7.54 9.49 16.72
N PRO A 76 -8.79 9.24 16.32
CA PRO A 76 -9.04 8.21 15.29
C PRO A 76 -8.18 8.32 14.06
N ALA A 77 -8.04 9.51 13.49
CA ALA A 77 -7.24 9.68 12.28
C ALA A 77 -5.76 9.47 12.55
N ASP A 78 -5.33 9.59 13.80
CA ASP A 78 -3.95 9.28 14.18
C ASP A 78 -3.71 7.79 14.31
N VAL A 79 -4.75 6.97 14.16
CA VAL A 79 -4.63 5.52 14.24
C VAL A 79 -4.78 4.88 12.86
N MET A 80 -5.96 5.03 12.27
CA MET A 80 -6.25 4.45 10.97
C MET A 80 -7.56 5.06 10.47
N ASP A 81 -7.65 5.21 9.15
N ASP A 81 -7.67 5.17 9.14
CA ASP A 81 -8.85 5.78 8.54
CA ASP A 81 -8.87 5.72 8.51
C ASP A 81 -10.07 4.93 8.87
C ASP A 81 -10.12 4.96 8.95
N SER A 82 -11.17 5.62 9.18
N SER A 82 -11.21 5.70 9.12
CA SER A 82 -12.39 4.95 9.62
CA SER A 82 -12.48 5.10 9.54
C SER A 82 -13.04 4.09 8.53
C SER A 82 -12.98 4.08 8.53
N SER A 83 -12.63 4.23 7.26
CA SER A 83 -13.12 3.31 6.23
C SER A 83 -12.61 1.89 6.45
N HIS A 84 -11.49 1.73 7.17
CA HIS A 84 -10.74 0.47 7.24
C HIS A 84 -11.36 -0.45 8.31
N LYS A 85 -12.47 -1.07 7.98
CA LYS A 85 -13.18 -1.96 8.89
C LYS A 85 -12.68 -3.38 8.70
N GLY A 86 -12.47 -4.09 9.83
CA GLY A 86 -12.07 -5.47 9.77
C GLY A 86 -11.65 -5.96 11.14
N PRO A 87 -11.04 -7.14 11.18
CA PRO A 87 -10.62 -7.75 12.46
C PRO A 87 -9.27 -7.24 12.93
N THR A 88 -9.07 -7.40 14.25
CA THR A 88 -7.74 -7.36 14.85
C THR A 88 -7.40 -8.77 15.31
N ILE A 89 -6.10 -9.10 15.23
CA ILE A 89 -5.67 -10.47 15.45
C ILE A 89 -4.26 -10.43 16.03
N ALA A 90 -3.89 -11.44 16.80
CA ALA A 90 -2.51 -11.55 17.28
C ALA A 90 -2.10 -13.00 17.40
N TYR A 91 -0.82 -13.25 17.11
CA TYR A 91 -0.23 -14.59 17.11
C TYR A 91 1.12 -14.55 17.81
N LEU A 92 1.54 -15.70 18.33
CA LEU A 92 2.89 -15.93 18.83
C LEU A 92 3.59 -17.01 18.01
N LYS A 93 4.92 -16.96 17.98
N LYS A 93 4.92 -16.96 17.98
CA LYS A 93 5.74 -17.99 17.38
CA LYS A 93 5.75 -17.98 17.36
C LYS A 93 6.98 -18.19 18.23
C LYS A 93 6.97 -18.19 18.24
N LYS A 94 7.19 -19.41 18.71
CA LYS A 94 8.38 -19.71 19.49
C LYS A 94 9.60 -19.69 18.57
N VAL A 95 10.65 -18.97 18.96
CA VAL A 95 11.86 -18.86 18.15
C VAL A 95 13.08 -18.97 19.04
N ASP A 96 14.22 -19.32 18.44
N ASP A 96 14.23 -19.23 18.41
CA ASP A 96 15.45 -19.46 19.22
CA ASP A 96 15.49 -19.36 19.13
C ASP A 96 16.00 -18.10 19.63
C ASP A 96 16.05 -18.01 19.57
N ASN A 97 15.95 -17.12 18.75
N ASN A 97 15.88 -16.98 18.75
CA ASN A 97 16.48 -15.80 19.03
CA ASN A 97 16.57 -15.71 18.94
C ASN A 97 15.53 -14.79 18.42
C ASN A 97 15.65 -14.63 18.39
N ALA A 98 14.82 -14.06 19.28
CA ALA A 98 13.80 -13.14 18.81
C ALA A 98 14.36 -11.91 18.13
N ALA A 99 15.61 -11.55 18.38
CA ALA A 99 16.20 -10.39 17.72
C ALA A 99 16.56 -10.66 16.28
N THR A 100 16.59 -11.93 15.84
CA THR A 100 17.02 -12.22 14.47
C THR A 100 16.11 -13.17 13.70
N ALA A 101 15.30 -13.99 14.36
CA ALA A 101 14.48 -14.97 13.65
C ALA A 101 13.58 -14.28 12.62
N SER A 102 13.68 -14.82 11.39
N SER A 102 13.34 -14.87 11.43
CA SER A 102 12.68 -14.75 10.34
CA SER A 102 12.60 -14.08 10.39
C SER A 102 11.50 -15.65 10.70
C SER A 102 11.06 -14.05 10.57
N GLY A 103 10.52 -15.00 11.25
CA GLY A 103 9.09 -15.23 11.39
C GLY A 103 8.40 -15.96 10.24
N VAL A 104 9.08 -16.18 9.13
CA VAL A 104 8.46 -16.89 8.00
C VAL A 104 8.40 -18.37 8.31
N GLY A 105 7.28 -19.00 7.99
CA GLY A 105 7.13 -20.43 8.09
C GLY A 105 6.20 -20.84 9.22
N ASN A 106 6.34 -22.10 9.62
CA ASN A 106 5.48 -22.73 10.60
C ASN A 106 5.86 -22.28 12.01
N GLY A 107 4.91 -22.41 12.93
CA GLY A 107 5.11 -22.16 14.35
C GLY A 107 4.16 -21.14 14.94
N TRP A 108 3.35 -20.48 14.13
CA TRP A 108 2.44 -19.46 14.64
C TRP A 108 1.21 -20.09 15.29
N PHE A 109 0.76 -19.48 16.37
CA PHE A 109 -0.51 -19.84 16.98
C PHE A 109 -1.23 -18.57 17.38
N LYS A 110 -2.55 -18.56 17.17
CA LYS A 110 -3.36 -17.38 17.39
C LYS A 110 -3.69 -17.25 18.87
N ILE A 111 -3.47 -16.05 19.42
CA ILE A 111 -3.75 -15.82 20.83
C ILE A 111 -4.82 -14.76 21.06
N GLN A 112 -5.25 -14.02 20.04
CA GLN A 112 -6.31 -13.04 20.19
C GLN A 112 -6.94 -12.82 18.83
N GLN A 113 -8.25 -12.53 18.84
CA GLN A 113 -8.88 -11.98 17.65
C GLN A 113 -10.13 -11.21 18.08
N ASP A 114 -10.54 -10.28 17.22
CA ASP A 114 -11.73 -9.47 17.43
C ASP A 114 -12.24 -9.13 16.03
N GLY A 115 -13.27 -9.85 15.59
CA GLY A 115 -13.81 -9.68 14.26
C GLY A 115 -14.95 -8.69 14.21
N MET A 116 -16.17 -9.20 14.12
CA MET A 116 -17.37 -8.39 14.26
C MET A 116 -18.17 -8.92 15.43
N ASP A 117 -18.57 -8.02 16.34
CA ASP A 117 -19.34 -8.43 17.51
C ASP A 117 -20.83 -8.54 17.17
N SER A 118 -21.63 -8.89 18.16
CA SER A 118 -23.06 -9.09 17.93
C SER A 118 -23.80 -7.79 17.65
N SER A 119 -23.16 -6.64 17.85
CA SER A 119 -23.75 -5.35 17.50
C SER A 119 -23.27 -4.81 16.16
N GLY A 120 -22.51 -5.58 15.40
CA GLY A 120 -22.04 -5.14 14.10
C GLY A 120 -20.82 -4.25 14.13
N VAL A 121 -20.14 -4.14 15.26
CA VAL A 121 -18.95 -3.30 15.40
C VAL A 121 -17.70 -4.15 15.21
N TRP A 122 -16.75 -3.64 14.43
CA TRP A 122 -15.54 -4.35 14.05
C TRP A 122 -14.40 -4.13 15.02
N GLY A 123 -13.51 -5.13 15.12
CA GLY A 123 -12.34 -5.01 15.96
C GLY A 123 -11.51 -3.77 15.65
N THR A 124 -11.34 -3.43 14.38
CA THR A 124 -10.53 -2.25 14.06
C THR A 124 -11.17 -0.99 14.62
N GLU A 125 -12.50 -0.94 14.69
N GLU A 125 -12.50 -0.93 14.66
CA GLU A 125 -13.15 0.26 15.22
CA GLU A 125 -13.18 0.23 15.23
C GLU A 125 -12.88 0.44 16.70
C GLU A 125 -12.78 0.43 16.68
N ARG A 126 -12.72 -0.67 17.45
CA ARG A 126 -12.34 -0.55 18.84
C ARG A 126 -10.93 -0.02 18.99
N VAL A 127 -10.02 -0.36 18.06
CA VAL A 127 -8.67 0.18 18.12
C VAL A 127 -8.64 1.65 17.69
N ILE A 128 -9.27 1.97 16.55
CA ILE A 128 -9.30 3.33 16.02
C ILE A 128 -9.87 4.31 17.06
N ASN A 129 -10.95 3.91 17.72
CA ASN A 129 -11.65 4.76 18.68
C ASN A 129 -11.18 4.54 20.11
N GLY A 130 -10.17 3.70 20.30
CA GLY A 130 -9.59 3.37 21.58
C GLY A 130 -8.13 3.78 21.67
N LYS A 131 -7.78 4.89 21.03
CA LYS A 131 -6.45 5.49 21.12
C LYS A 131 -5.36 4.55 20.59
N GLY A 132 -5.73 3.71 19.64
CA GLY A 132 -4.81 2.79 19.02
C GLY A 132 -4.44 1.57 19.85
N ARG A 133 -5.14 1.32 20.95
CA ARG A 133 -4.77 0.26 21.88
C ARG A 133 -5.38 -1.08 21.47
N HIS A 134 -4.52 -2.07 21.30
CA HIS A 134 -4.90 -3.43 20.91
C HIS A 134 -4.32 -4.36 21.97
N SER A 135 -5.14 -4.70 22.95
CA SER A 135 -4.70 -5.47 24.11
C SER A 135 -4.74 -6.97 23.82
N ILE A 136 -3.70 -7.66 24.26
CA ILE A 136 -3.43 -9.04 23.89
C ILE A 136 -2.93 -9.78 25.11
N LYS A 137 -3.60 -10.87 25.48
CA LYS A 137 -3.17 -11.68 26.62
C LYS A 137 -2.12 -12.71 26.20
N ILE A 138 -0.97 -12.68 26.86
CA ILE A 138 0.04 -13.72 26.66
C ILE A 138 -0.40 -14.93 27.48
N PRO A 139 -0.60 -16.10 26.89
CA PRO A 139 -1.10 -17.24 27.69
C PRO A 139 -0.15 -17.62 28.82
N GLU A 140 -0.72 -18.04 29.95
N GLU A 140 -0.74 -18.06 29.94
CA GLU A 140 0.11 -18.47 31.07
CA GLU A 140 0.05 -18.49 31.08
C GLU A 140 0.70 -19.86 30.86
C GLU A 140 0.73 -19.83 30.82
N CYS A 141 0.12 -20.67 29.99
CA CYS A 141 0.42 -22.10 29.91
C CYS A 141 1.44 -22.48 28.84
N ILE A 142 1.94 -21.52 28.08
CA ILE A 142 2.91 -21.84 27.05
C ILE A 142 4.30 -21.97 27.64
N ALA A 143 5.19 -22.55 26.86
CA ALA A 143 6.58 -22.67 27.25
C ALA A 143 7.20 -21.28 27.40
N PRO A 144 8.13 -21.12 28.35
CA PRO A 144 8.82 -19.83 28.48
C PRO A 144 9.83 -19.67 27.36
N GLY A 145 10.31 -18.43 27.22
CA GLY A 145 11.43 -18.16 26.35
C GLY A 145 11.13 -17.18 25.24
N GLN A 146 11.93 -17.24 24.18
N GLN A 146 11.92 -17.22 24.18
CA GLN A 146 11.89 -16.27 23.10
CA GLN A 146 11.85 -16.18 23.17
C GLN A 146 10.70 -16.53 22.18
C GLN A 146 10.78 -16.48 22.13
N TYR A 147 9.98 -15.46 21.83
CA TYR A 147 8.88 -15.53 20.88
C TYR A 147 8.85 -14.28 20.03
N LEU A 148 8.26 -14.41 18.84
CA LEU A 148 7.75 -13.27 18.09
C LEU A 148 6.25 -13.14 18.37
N LEU A 149 5.79 -11.90 18.47
CA LEU A 149 4.38 -11.54 18.58
C LEU A 149 3.99 -10.79 17.32
N ARG A 150 3.08 -11.36 16.54
CA ARG A 150 2.60 -10.74 15.32
C ARG A 150 1.21 -10.17 15.61
N ALA A 151 1.10 -8.85 15.60
CA ALA A 151 -0.17 -8.16 15.77
C ALA A 151 -0.60 -7.62 14.43
N GLU A 152 -1.90 -7.73 14.14
CA GLU A 152 -2.42 -7.47 12.81
C GLU A 152 -3.78 -6.79 12.87
N MET A 153 -3.99 -5.88 11.91
CA MET A 153 -5.31 -5.37 11.57
C MET A 153 -5.51 -5.63 10.10
N ILE A 154 -6.69 -6.14 9.72
CA ILE A 154 -7.02 -6.37 8.31
C ILE A 154 -8.14 -5.42 7.95
N ALA A 155 -7.92 -4.60 6.92
CA ALA A 155 -8.95 -3.69 6.43
C ALA A 155 -9.64 -4.32 5.23
N LEU A 156 -10.97 -4.34 5.27
CA LEU A 156 -11.78 -5.08 4.30
C LEU A 156 -12.65 -4.19 3.42
N HIS A 157 -12.45 -2.89 3.47
CA HIS A 157 -13.30 -2.01 2.68
C HIS A 157 -13.11 -2.16 1.17
N ALA A 158 -12.02 -2.74 0.72
CA ALA A 158 -11.76 -2.96 -0.69
C ALA A 158 -11.54 -4.44 -1.00
N ALA A 159 -12.18 -5.32 -0.23
CA ALA A 159 -11.88 -6.75 -0.26
C ALA A 159 -12.89 -7.60 -1.04
N SER A 160 -13.76 -6.99 -1.85
N SER A 160 -13.77 -6.98 -1.83
CA SER A 160 -14.81 -7.77 -2.51
CA SER A 160 -14.80 -7.73 -2.54
C SER A 160 -14.21 -8.82 -3.42
C SER A 160 -14.18 -8.84 -3.37
N ASN A 161 -13.06 -8.54 -4.01
CA ASN A 161 -12.29 -9.50 -4.76
C ASN A 161 -10.91 -9.60 -4.15
N TYR A 162 -10.19 -10.65 -4.52
CA TYR A 162 -8.83 -10.85 -4.06
C TYR A 162 -7.91 -10.78 -5.29
N PRO A 163 -6.82 -9.99 -5.22
CA PRO A 163 -6.36 -9.18 -4.09
C PRO A 163 -7.28 -8.01 -3.80
N GLY A 164 -7.33 -7.62 -2.53
CA GLY A 164 -8.10 -6.48 -2.11
C GLY A 164 -8.04 -6.23 -0.62
N ALA A 165 -8.16 -7.29 0.16
CA ALA A 165 -7.96 -7.18 1.60
C ALA A 165 -6.58 -6.59 1.89
N GLN A 166 -6.50 -5.78 2.94
CA GLN A 166 -5.27 -5.06 3.26
C GLN A 166 -4.79 -5.51 4.63
N PHE A 167 -3.62 -6.14 4.68
CA PHE A 167 -3.07 -6.74 5.89
C PHE A 167 -1.98 -5.83 6.44
N TYR A 168 -2.19 -5.35 7.66
CA TYR A 168 -1.23 -4.50 8.37
C TYR A 168 -0.73 -5.29 9.57
N MET A 169 0.56 -5.61 9.60
CA MET A 169 1.10 -6.41 10.69
C MET A 169 2.52 -5.95 11.01
N GLU A 170 2.90 -6.16 12.26
CA GLU A 170 4.28 -6.02 12.70
C GLU A 170 4.55 -7.07 13.75
N CYS A 171 5.83 -7.42 13.88
CA CYS A 171 6.29 -8.42 14.85
C CYS A 171 7.12 -7.76 15.94
N ALA A 172 6.75 -8.06 17.18
CA ALA A 172 7.50 -7.68 18.35
C ALA A 172 8.30 -8.87 18.86
N GLN A 173 9.32 -8.58 19.67
CA GLN A 173 10.30 -9.55 20.12
C GLN A 173 10.17 -9.68 21.63
N LEU A 174 9.78 -10.86 22.09
CA LEU A 174 9.47 -11.10 23.49
C LEU A 174 10.33 -12.19 24.11
N ASN A 175 10.53 -12.03 25.42
CA ASN A 175 11.05 -13.08 26.29
C ASN A 175 9.97 -13.35 27.31
N VAL A 176 9.27 -14.47 27.17
CA VAL A 176 8.16 -14.83 28.04
C VAL A 176 8.69 -15.54 29.28
N VAL A 177 8.46 -14.93 30.43
CA VAL A 177 8.92 -15.45 31.73
C VAL A 177 7.72 -16.02 32.47
N GLY A 178 7.90 -17.16 33.09
CA GLY A 178 6.86 -17.72 33.93
C GLY A 178 5.90 -18.62 33.20
N GLY A 179 6.04 -18.81 31.90
CA GLY A 179 5.18 -19.75 31.20
C GLY A 179 5.39 -21.15 31.75
N THR A 180 4.30 -21.88 31.97
CA THR A 180 4.40 -23.17 32.63
C THR A 180 4.71 -24.32 31.68
N GLY A 181 4.53 -24.14 30.38
CA GLY A 181 4.69 -25.23 29.45
C GLY A 181 3.64 -26.30 29.56
N ALA A 182 2.54 -26.04 30.26
CA ALA A 182 1.51 -27.05 30.46
C ALA A 182 0.77 -27.38 29.17
N LYS A 183 0.88 -26.56 28.12
CA LYS A 183 0.13 -26.82 26.90
C LYS A 183 0.95 -26.41 25.70
N THR A 184 0.97 -27.28 24.69
CA THR A 184 1.72 -27.07 23.46
C THR A 184 0.76 -26.72 22.34
N PRO A 185 0.78 -25.50 21.81
CA PRO A 185 -0.16 -25.14 20.75
C PRO A 185 0.08 -25.91 19.46
N SER A 186 -1.00 -26.22 18.76
N SER A 186 -1.00 -26.22 18.76
CA SER A 186 -0.89 -26.54 17.35
CA SER A 186 -0.91 -26.54 17.35
C SER A 186 -0.64 -25.26 16.57
C SER A 186 -0.63 -25.26 16.58
N THR A 187 0.13 -25.37 15.49
CA THR A 187 0.65 -24.20 14.80
C THR A 187 0.31 -24.19 13.32
N VAL A 188 0.41 -22.99 12.74
CA VAL A 188 0.20 -22.73 11.33
C VAL A 188 1.38 -21.93 10.80
N SER A 189 1.42 -21.77 9.48
CA SER A 189 2.49 -21.08 8.81
C SER A 189 2.04 -19.74 8.25
N PHE A 190 2.98 -18.78 8.22
CA PHE A 190 2.80 -17.56 7.44
C PHE A 190 4.01 -17.43 6.52
N PRO A 191 3.81 -17.44 5.20
CA PRO A 191 2.53 -17.62 4.50
C PRO A 191 1.99 -19.04 4.63
N GLY A 192 0.68 -19.17 4.47
CA GLY A 192 0.00 -20.44 4.41
C GLY A 192 -1.34 -20.40 5.12
N ALA A 193 -1.42 -19.71 6.25
CA ALA A 193 -2.61 -19.77 7.08
C ALA A 193 -3.79 -19.06 6.45
N TYR A 194 -3.52 -18.03 5.67
CA TYR A 194 -4.54 -17.28 4.94
C TYR A 194 -4.50 -17.63 3.47
N SER A 195 -5.67 -17.67 2.85
N SER A 195 -5.67 -17.64 2.86
N SER A 195 -5.68 -17.65 2.86
CA SER A 195 -5.78 -17.80 1.41
CA SER A 195 -5.80 -17.82 1.42
CA SER A 195 -5.88 -17.85 1.43
C SER A 195 -6.70 -16.72 0.89
C SER A 195 -6.73 -16.76 0.87
C SER A 195 -6.73 -16.72 0.88
N GLY A 196 -6.47 -16.35 -0.38
CA GLY A 196 -7.27 -15.35 -1.04
C GLY A 196 -8.72 -15.73 -1.20
N SER A 197 -9.06 -17.01 -1.01
CA SER A 197 -10.42 -17.50 -1.11
C SER A 197 -11.12 -17.55 0.24
N ASP A 198 -10.44 -17.24 1.33
CA ASP A 198 -11.06 -17.38 2.64
C ASP A 198 -12.29 -16.47 2.77
N PRO A 199 -13.31 -16.92 3.51
N PRO A 199 -13.34 -16.91 3.48
CA PRO A 199 -14.52 -16.09 3.66
CA PRO A 199 -14.52 -16.06 3.64
C PRO A 199 -14.29 -14.79 4.40
C PRO A 199 -14.27 -14.76 4.37
N GLY A 200 -13.20 -14.65 5.13
CA GLY A 200 -12.85 -13.41 5.79
C GLY A 200 -11.85 -12.57 5.03
N VAL A 201 -11.42 -13.01 3.86
CA VAL A 201 -10.45 -12.31 3.03
C VAL A 201 -11.11 -11.78 1.77
N LYS A 202 -11.83 -12.63 1.04
N LYS A 202 -11.83 -12.63 1.04
CA LYS A 202 -12.64 -12.22 -0.10
CA LYS A 202 -12.66 -12.22 -0.09
C LYS A 202 -14.06 -12.00 0.42
C LYS A 202 -14.07 -12.00 0.44
N ILE A 203 -14.47 -10.74 0.56
CA ILE A 203 -15.70 -10.42 1.25
C ILE A 203 -16.13 -9.02 0.84
N SER A 204 -17.43 -8.85 0.60
N SER A 204 -17.39 -8.89 0.45
CA SER A 204 -18.03 -7.55 0.23
CA SER A 204 -18.01 -7.59 0.30
C SER A 204 -18.83 -7.03 1.43
C SER A 204 -18.64 -7.28 1.64
N ILE A 205 -18.18 -6.21 2.27
CA ILE A 205 -18.75 -5.86 3.57
C ILE A 205 -20.00 -5.01 3.47
N TYR A 206 -20.34 -4.48 2.28
CA TYR A 206 -21.55 -3.68 2.09
C TYR A 206 -22.57 -4.29 1.14
N TRP A 207 -22.30 -5.45 0.54
CA TRP A 207 -23.13 -5.93 -0.57
C TRP A 207 -23.33 -7.46 -0.53
N PRO A 208 -24.20 -7.93 0.36
CA PRO A 208 -25.00 -7.19 1.33
C PRO A 208 -24.17 -6.88 2.57
N PRO A 209 -24.66 -6.00 3.42
CA PRO A 209 -23.98 -5.76 4.70
C PRO A 209 -23.82 -7.06 5.47
N VAL A 210 -22.65 -7.32 6.01
CA VAL A 210 -22.50 -8.58 6.74
C VAL A 210 -22.90 -8.39 8.19
N THR A 211 -23.41 -9.46 8.80
CA THR A 211 -23.76 -9.49 10.22
C THR A 211 -22.95 -10.53 10.99
N SER A 212 -22.19 -11.36 10.29
CA SER A 212 -21.28 -12.33 10.87
C SER A 212 -20.01 -12.26 10.06
N TYR A 213 -18.88 -12.49 10.71
CA TYR A 213 -17.60 -12.49 10.03
C TYR A 213 -16.74 -13.61 10.57
N THR A 214 -16.11 -14.34 9.67
CA THR A 214 -15.19 -15.41 10.04
C THR A 214 -13.76 -14.90 9.93
N VAL A 215 -13.11 -14.73 11.08
CA VAL A 215 -11.74 -14.24 11.07
C VAL A 215 -10.85 -15.30 10.41
N PRO A 216 -9.95 -14.93 9.51
CA PRO A 216 -9.08 -15.95 8.89
C PRO A 216 -8.12 -16.54 9.90
N GLY A 217 -7.55 -17.67 9.53
CA GLY A 217 -6.60 -18.35 10.36
C GLY A 217 -7.21 -19.35 11.32
N PRO A 218 -6.38 -19.94 12.17
CA PRO A 218 -6.85 -20.99 13.08
C PRO A 218 -7.64 -20.43 14.26
N SER A 219 -8.23 -21.34 15.02
N SER A 219 -8.23 -21.34 15.01
CA SER A 219 -8.93 -20.93 16.23
CA SER A 219 -8.92 -20.94 16.23
C SER A 219 -7.95 -20.37 17.26
C SER A 219 -7.95 -20.34 17.24
N VAL A 220 -8.49 -19.52 18.14
CA VAL A 220 -7.67 -18.93 19.20
C VAL A 220 -7.24 -20.01 20.17
N PHE A 221 -5.95 -20.03 20.49
CA PHE A 221 -5.42 -20.95 21.48
C PHE A 221 -5.86 -20.51 22.87
N THR A 222 -6.28 -21.47 23.68
CA THR A 222 -6.65 -21.19 25.07
C THR A 222 -5.99 -22.21 25.97
N CYS A 223 -5.69 -21.79 27.19
CA CYS A 223 -5.10 -22.69 28.17
C CYS A 223 -6.13 -23.65 28.74
N HIS B 1 1.32 -2.31 -7.60
CA HIS B 1 2.49 -1.75 -6.98
C HIS B 1 3.60 -1.61 -8.05
N THR B 2 3.99 -0.37 -8.32
CA THR B 2 4.84 -0.04 -9.45
C THR B 2 5.29 1.41 -9.29
N ILE B 3 6.36 1.76 -9.99
CA ILE B 3 6.92 3.10 -9.98
C ILE B 3 7.35 3.45 -11.40
N PHE B 4 6.95 4.63 -11.87
CA PHE B 4 7.52 5.27 -13.06
C PHE B 4 8.83 5.87 -12.58
N SER B 5 9.92 5.16 -12.82
CA SER B 5 11.17 5.50 -12.16
C SER B 5 12.25 6.08 -13.07
N SER B 6 12.04 6.08 -14.38
CA SER B 6 12.94 6.72 -15.34
C SER B 6 12.17 7.00 -16.63
N LEU B 7 12.73 7.91 -17.42
CA LEU B 7 12.13 8.35 -18.67
C LEU B 7 13.13 8.15 -19.80
N GLU B 8 12.67 7.60 -20.91
CA GLU B 8 13.46 7.43 -22.12
C GLU B 8 13.05 8.47 -23.15
N VAL B 9 14.04 9.14 -23.75
CA VAL B 9 13.81 10.19 -24.74
C VAL B 9 14.78 9.99 -25.87
N ASN B 10 14.27 9.92 -27.10
CA ASN B 10 15.09 9.77 -28.30
C ASN B 10 16.02 8.56 -28.15
N GLY B 11 15.47 7.49 -27.59
CA GLY B 11 16.19 6.25 -27.45
C GLY B 11 17.14 6.15 -26.26
N VAL B 12 17.19 7.16 -25.39
CA VAL B 12 18.15 7.24 -24.30
C VAL B 12 17.41 7.35 -22.97
N ASN B 13 17.67 6.40 -22.06
CA ASN B 13 17.15 6.48 -20.70
C ASN B 13 17.89 7.58 -19.95
N GLN B 14 17.14 8.44 -19.29
CA GLN B 14 17.72 9.61 -18.63
C GLN B 14 18.26 9.31 -17.24
N GLY B 15 18.08 8.10 -16.74
CA GLY B 15 18.67 7.64 -15.51
C GLY B 15 17.63 7.39 -14.42
N LEU B 16 17.94 6.47 -13.51
CA LEU B 16 17.02 6.10 -12.46
C LEU B 16 16.80 7.27 -11.51
N GLY B 17 15.57 7.72 -11.41
CA GLY B 17 15.26 8.86 -10.58
C GLY B 17 15.89 10.16 -11.01
N GLU B 18 16.34 10.26 -12.25
CA GLU B 18 16.98 11.47 -12.77
C GLU B 18 15.99 12.20 -13.66
N GLY B 19 15.47 13.32 -13.17
CA GLY B 19 14.43 14.02 -13.87
C GLY B 19 13.05 13.46 -13.65
N VAL B 20 12.92 12.38 -12.87
CA VAL B 20 11.65 11.83 -12.43
C VAL B 20 11.71 11.83 -10.90
N ARG B 21 10.69 12.40 -10.27
CA ARG B 21 10.62 12.51 -8.81
C ARG B 21 10.06 11.20 -8.28
N VAL B 22 10.90 10.34 -7.73
CA VAL B 22 10.48 8.98 -7.41
C VAL B 22 10.28 8.77 -5.93
N PRO B 23 9.25 8.04 -5.56
CA PRO B 23 9.19 7.48 -4.21
C PRO B 23 10.06 6.24 -4.15
N THR B 24 10.48 5.87 -2.93
N THR B 24 10.44 5.83 -2.93
CA THR B 24 11.10 4.57 -2.77
CA THR B 24 11.04 4.50 -2.79
C THR B 24 10.06 3.49 -2.49
C THR B 24 9.97 3.44 -2.60
N TYR B 25 8.88 3.85 -1.97
N TYR B 25 8.87 3.75 -1.92
CA TYR B 25 7.81 2.89 -1.78
CA TYR B 25 7.79 2.79 -1.79
C TYR B 25 6.89 2.89 -3.00
C TYR B 25 6.88 2.85 -3.01
N ASN B 26 6.52 1.67 -3.46
CA ASN B 26 5.74 1.50 -4.67
C ASN B 26 4.23 1.44 -4.44
N GLY B 27 3.75 1.78 -3.24
CA GLY B 27 2.35 1.69 -2.97
C GLY B 27 1.53 2.80 -3.59
N PRO B 28 0.24 2.56 -3.77
CA PRO B 28 -0.60 3.52 -4.48
C PRO B 28 -1.09 4.65 -3.60
N ILE B 29 -1.47 5.74 -4.27
CA ILE B 29 -2.36 6.72 -3.66
C ILE B 29 -3.78 6.23 -3.85
N GLU B 30 -4.62 6.40 -2.82
N GLU B 30 -4.62 6.42 -2.81
CA GLU B 30 -6.01 5.95 -2.89
CA GLU B 30 -5.99 5.92 -2.84
C GLU B 30 -7.01 7.07 -2.79
C GLU B 30 -7.04 6.99 -2.58
N ASP B 31 -6.64 8.22 -2.23
CA ASP B 31 -7.54 9.32 -1.96
C ASP B 31 -7.37 10.35 -3.08
N VAL B 32 -8.36 10.45 -3.97
CA VAL B 32 -8.24 11.38 -5.09
C VAL B 32 -8.34 12.84 -4.66
N THR B 33 -8.74 13.13 -3.42
CA THR B 33 -8.76 14.49 -2.92
C THR B 33 -7.45 14.93 -2.28
N SER B 34 -6.52 14.02 -2.11
CA SER B 34 -5.25 14.35 -1.47
C SER B 34 -4.34 15.11 -2.43
N ALA B 35 -3.56 16.02 -1.86
CA ALA B 35 -2.52 16.68 -2.64
C ALA B 35 -1.59 15.68 -3.29
N SER B 36 -1.47 14.49 -2.69
CA SER B 36 -0.59 13.45 -3.22
C SER B 36 -1.02 12.91 -4.57
N ILE B 37 -2.27 13.13 -4.98
CA ILE B 37 -2.72 12.64 -6.28
C ILE B 37 -1.99 13.31 -7.45
N ALA B 38 -1.42 14.49 -7.24
CA ALA B 38 -0.77 15.21 -8.34
C ALA B 38 0.52 14.54 -8.78
N CYS B 39 1.50 14.49 -7.88
CA CYS B 39 2.83 13.97 -8.15
C CYS B 39 3.26 12.97 -7.08
N ASN B 40 2.31 12.19 -6.56
CA ASN B 40 2.57 11.27 -5.47
C ASN B 40 2.91 12.07 -4.20
N GLY B 41 3.12 11.39 -3.08
CA GLY B 41 3.39 12.07 -1.84
C GLY B 41 2.90 11.26 -0.65
N SER B 42 2.75 11.96 0.47
CA SER B 42 2.38 11.35 1.73
C SER B 42 1.18 10.44 1.52
N PRO B 43 1.16 9.24 2.14
CA PRO B 43 2.09 8.73 3.15
C PRO B 43 3.38 8.13 2.58
N ASN B 44 3.58 8.22 1.26
N ASN B 44 3.59 8.26 1.28
CA ASN B 44 4.84 7.88 0.63
CA ASN B 44 4.86 7.94 0.66
C ASN B 44 5.83 9.03 0.89
C ASN B 44 5.74 9.18 0.72
N THR B 45 7.05 8.89 0.37
N THR B 45 7.05 8.97 0.61
CA THR B 45 8.05 9.94 0.41
CA THR B 45 8.00 10.04 0.45
C THR B 45 8.69 10.04 -0.96
C THR B 45 8.50 10.03 -0.98
N VAL B 46 8.67 11.22 -1.54
CA VAL B 46 9.10 11.40 -2.92
C VAL B 46 10.40 12.19 -2.94
N ALA B 47 11.40 11.69 -3.67
CA ALA B 47 12.68 12.36 -3.80
C ALA B 47 12.59 13.53 -4.78
N SER B 48 13.50 14.47 -4.61
CA SER B 48 13.67 15.54 -5.59
C SER B 48 14.78 15.15 -6.56
N THR B 49 14.90 15.94 -7.62
CA THR B 49 15.93 15.69 -8.62
C THR B 49 16.20 17.03 -9.32
N SER B 50 17.47 17.32 -9.55
CA SER B 50 17.86 18.56 -10.21
C SER B 50 18.01 18.41 -11.71
N LYS B 51 17.68 17.26 -12.28
CA LYS B 51 17.73 17.11 -13.71
C LYS B 51 16.41 17.54 -14.34
N VAL B 52 16.49 18.35 -15.39
CA VAL B 52 15.34 18.73 -16.21
C VAL B 52 15.63 18.18 -17.60
N ILE B 53 14.75 17.29 -18.07
CA ILE B 53 14.98 16.51 -19.28
C ILE B 53 14.50 17.28 -20.50
N THR B 54 15.37 17.42 -21.49
CA THR B 54 14.98 18.10 -22.72
C THR B 54 14.28 17.15 -23.68
N VAL B 55 13.17 17.62 -24.25
N VAL B 55 13.20 17.64 -24.28
CA VAL B 55 12.48 16.84 -25.27
CA VAL B 55 12.42 16.87 -25.25
C VAL B 55 11.95 17.76 -26.36
C VAL B 55 11.97 17.80 -26.37
N GLN B 56 12.07 17.31 -27.60
CA GLN B 56 11.54 18.05 -28.74
C GLN B 56 10.03 17.88 -28.81
N ALA B 57 9.31 18.99 -28.91
CA ALA B 57 7.87 18.93 -29.10
C ALA B 57 7.52 18.12 -30.34
N GLY B 58 6.41 17.38 -30.25
CA GLY B 58 5.93 16.54 -31.32
C GLY B 58 6.45 15.14 -31.28
N THR B 59 7.46 14.86 -30.45
CA THR B 59 8.06 13.54 -30.33
C THR B 59 7.57 12.90 -29.04
N ASN B 60 7.93 11.63 -28.84
CA ASN B 60 7.45 10.88 -27.70
C ASN B 60 8.49 10.76 -26.59
N VAL B 61 8.01 10.78 -25.38
CA VAL B 61 8.78 10.32 -24.24
C VAL B 61 8.19 8.97 -23.83
N THR B 62 9.01 8.11 -23.24
CA THR B 62 8.55 6.79 -22.81
C THR B 62 8.83 6.65 -21.32
N ALA B 63 7.77 6.62 -20.53
CA ALA B 63 7.89 6.31 -19.11
C ALA B 63 8.22 4.84 -18.97
N ILE B 64 9.17 4.53 -18.10
CA ILE B 64 9.64 3.18 -17.87
C ILE B 64 9.20 2.75 -16.46
N TRP B 65 8.17 1.92 -16.40
CA TRP B 65 7.58 1.47 -15.14
C TRP B 65 8.29 0.21 -14.65
N ARG B 66 8.55 0.17 -13.34
CA ARG B 66 9.24 -0.95 -12.69
C ARG B 66 8.60 -1.22 -11.35
N TYR B 67 8.70 -2.46 -10.90
CA TYR B 67 8.09 -2.85 -9.64
C TYR B 67 8.63 -2.03 -8.47
N MET B 68 9.95 -1.97 -8.35
N MET B 68 9.95 -1.96 -8.36
CA MET B 68 10.61 -1.21 -7.28
CA MET B 68 10.63 -1.24 -7.29
C MET B 68 11.80 -0.46 -7.88
C MET B 68 11.81 -0.48 -7.87
N LEU B 69 12.36 0.46 -7.08
CA LEU B 69 13.56 1.17 -7.53
C LEU B 69 14.74 0.22 -7.72
N SER B 70 14.76 -0.91 -7.02
CA SER B 70 15.84 -1.88 -7.12
C SER B 70 15.68 -2.84 -8.29
N THR B 71 14.55 -2.84 -8.98
CA THR B 71 14.27 -3.84 -9.99
C THR B 71 15.20 -3.66 -11.18
N THR B 72 15.84 -4.77 -11.57
CA THR B 72 16.80 -4.83 -12.69
C THR B 72 16.19 -5.28 -14.00
N GLY B 73 15.19 -6.18 -13.97
CA GLY B 73 14.67 -6.77 -15.18
C GLY B 73 13.50 -6.01 -15.75
N ASP B 74 12.93 -6.58 -16.82
CA ASP B 74 11.81 -5.96 -17.52
C ASP B 74 10.71 -6.96 -17.88
N SER B 75 10.68 -8.11 -17.21
N SER B 75 10.67 -8.11 -17.19
CA SER B 75 9.61 -9.07 -17.40
CA SER B 75 9.61 -9.06 -17.39
C SER B 75 8.35 -8.56 -16.71
C SER B 75 8.35 -8.56 -16.71
N PRO B 76 7.19 -9.20 -16.99
CA PRO B 76 5.94 -8.72 -16.38
C PRO B 76 6.03 -8.50 -14.87
N ALA B 77 6.57 -9.46 -14.11
CA ALA B 77 6.64 -9.30 -12.66
C ALA B 77 7.59 -8.18 -12.24
N ASP B 78 8.48 -7.77 -13.12
CA ASP B 78 9.38 -6.64 -12.88
C ASP B 78 8.72 -5.31 -13.16
N VAL B 79 7.47 -5.31 -13.62
CA VAL B 79 6.73 -4.10 -13.94
C VAL B 79 5.60 -3.89 -12.93
N MET B 80 4.62 -4.78 -12.94
CA MET B 80 3.48 -4.67 -12.05
C MET B 80 2.73 -5.99 -12.13
N ASP B 81 2.11 -6.39 -11.03
CA ASP B 81 1.37 -7.64 -11.00
C ASP B 81 0.24 -7.63 -12.01
N SER B 82 0.04 -8.77 -12.66
CA SER B 82 -0.93 -8.87 -13.75
C SER B 82 -2.38 -8.73 -13.27
N SER B 83 -2.66 -8.83 -11.97
CA SER B 83 -4.00 -8.54 -11.48
C SER B 83 -4.38 -7.09 -11.66
N HIS B 84 -3.40 -6.20 -11.79
CA HIS B 84 -3.61 -4.75 -11.75
C HIS B 84 -4.04 -4.20 -13.13
N LYS B 85 -5.27 -4.54 -13.51
CA LYS B 85 -5.84 -4.12 -14.78
C LYS B 85 -6.41 -2.72 -14.67
N GLY B 86 -6.15 -1.88 -15.66
CA GLY B 86 -6.70 -0.54 -15.65
C GLY B 86 -6.08 0.30 -16.74
N PRO B 87 -6.34 1.60 -16.73
CA PRO B 87 -5.81 2.50 -17.77
C PRO B 87 -4.41 2.99 -17.47
N THR B 88 -3.73 3.40 -18.54
CA THR B 88 -2.55 4.26 -18.43
C THR B 88 -2.94 5.64 -18.97
N ILE B 89 -2.33 6.68 -18.39
CA ILE B 89 -2.74 8.07 -18.64
C ILE B 89 -1.51 8.94 -18.47
N ALA B 90 -1.47 10.07 -19.18
CA ALA B 90 -0.38 11.03 -18.99
C ALA B 90 -0.89 12.44 -19.19
N TYR B 91 -0.30 13.37 -18.45
CA TYR B 91 -0.68 14.78 -18.44
C TYR B 91 0.57 15.65 -18.44
N LEU B 92 0.42 16.89 -18.91
CA LEU B 92 1.44 17.93 -18.79
C LEU B 92 0.88 19.11 -18.00
N LYS B 93 1.79 19.85 -17.37
N LYS B 93 1.80 19.86 -17.38
CA LYS B 93 1.46 21.11 -16.72
CA LYS B 93 1.47 21.10 -16.69
C LYS B 93 2.59 22.08 -17.00
C LYS B 93 2.60 22.09 -16.97
N LYS B 94 2.26 23.24 -17.57
CA LYS B 94 3.25 24.29 -17.79
C LYS B 94 3.59 24.94 -16.46
N VAL B 95 4.88 25.03 -16.15
CA VAL B 95 5.34 25.61 -14.89
C VAL B 95 6.51 26.54 -15.14
N ASP B 96 6.79 27.40 -14.15
CA ASP B 96 7.91 28.34 -14.25
C ASP B 96 9.24 27.62 -14.12
N ASN B 97 9.32 26.63 -13.22
CA ASN B 97 10.57 25.92 -12.93
C ASN B 97 10.22 24.46 -12.66
N ALA B 98 10.62 23.57 -13.55
CA ALA B 98 10.20 22.18 -13.44
C ALA B 98 10.80 21.48 -12.23
N ALA B 99 11.83 22.02 -11.60
CA ALA B 99 12.42 21.41 -10.43
C ALA B 99 11.75 21.82 -9.14
N THR B 100 11.00 22.92 -9.13
CA THR B 100 10.38 23.38 -7.90
C THR B 100 8.87 23.37 -7.88
N ALA B 101 8.20 23.35 -9.03
CA ALA B 101 6.75 23.34 -9.01
C ALA B 101 6.25 22.08 -8.31
N SER B 102 5.27 22.21 -7.41
CA SER B 102 4.82 21.01 -6.70
C SER B 102 3.89 20.14 -7.55
N GLY B 103 3.25 20.70 -8.57
CA GLY B 103 2.25 20.00 -9.34
C GLY B 103 0.85 20.11 -8.80
N VAL B 104 0.67 20.55 -7.55
CA VAL B 104 -0.66 20.64 -6.97
C VAL B 104 -1.38 21.84 -7.56
N GLY B 105 -2.62 21.64 -7.95
CA GLY B 105 -3.46 22.72 -8.41
C GLY B 105 -3.80 22.60 -9.88
N ASN B 106 -4.26 23.73 -10.44
CA ASN B 106 -4.70 23.82 -11.82
C ASN B 106 -3.50 23.89 -12.77
N GLY B 107 -3.76 23.53 -14.03
CA GLY B 107 -2.80 23.67 -15.10
C GLY B 107 -2.57 22.38 -15.88
N TRP B 108 -3.12 21.26 -15.41
CA TRP B 108 -2.87 19.98 -16.07
C TRP B 108 -3.73 19.83 -17.31
N PHE B 109 -3.16 19.22 -18.35
CA PHE B 109 -3.91 18.80 -19.52
C PHE B 109 -3.49 17.40 -19.93
N LYS B 110 -4.46 16.59 -20.32
CA LYS B 110 -4.21 15.20 -20.66
C LYS B 110 -3.63 15.10 -22.06
N ILE B 111 -2.58 14.30 -22.21
CA ILE B 111 -1.94 14.10 -23.51
C ILE B 111 -1.92 12.65 -23.97
N GLN B 112 -2.29 11.68 -23.12
CA GLN B 112 -2.33 10.29 -23.55
C GLN B 112 -3.27 9.55 -22.63
N GLN B 113 -3.96 8.54 -23.17
CA GLN B 113 -4.65 7.59 -22.33
C GLN B 113 -4.86 6.29 -23.10
N ASP B 114 -4.96 5.19 -22.35
CA ASP B 114 -5.16 3.86 -22.92
C ASP B 114 -5.96 3.08 -21.89
N GLY B 115 -7.26 2.95 -22.14
CA GLY B 115 -8.16 2.29 -21.21
C GLY B 115 -8.33 0.81 -21.53
N MET B 116 -9.46 0.44 -22.15
CA MET B 116 -9.66 -0.92 -22.63
C MET B 116 -9.94 -0.89 -24.12
N ASP B 117 -9.33 -1.83 -24.84
CA ASP B 117 -9.53 -1.95 -26.28
C ASP B 117 -10.64 -2.95 -26.59
N SER B 118 -10.76 -3.33 -27.87
CA SER B 118 -11.83 -4.22 -28.31
C SER B 118 -11.53 -5.69 -28.07
N SER B 119 -10.28 -6.06 -27.87
CA SER B 119 -9.94 -7.42 -27.47
C SER B 119 -10.06 -7.63 -25.98
N GLY B 120 -10.54 -6.62 -25.23
CA GLY B 120 -10.69 -6.72 -23.79
C GLY B 120 -9.41 -6.50 -23.02
N VAL B 121 -8.36 -6.01 -23.66
CA VAL B 121 -7.05 -5.87 -23.03
C VAL B 121 -6.88 -4.42 -22.58
N TRP B 122 -6.35 -4.25 -21.37
CA TRP B 122 -6.24 -2.96 -20.70
C TRP B 122 -4.88 -2.31 -20.94
N GLY B 123 -4.87 -0.97 -20.84
CA GLY B 123 -3.63 -0.23 -20.98
C GLY B 123 -2.52 -0.73 -20.09
N THR B 124 -2.82 -1.06 -18.82
CA THR B 124 -1.75 -1.51 -17.95
C THR B 124 -1.17 -2.82 -18.44
N GLU B 125 -1.99 -3.68 -19.06
CA GLU B 125 -1.48 -4.94 -19.57
C GLU B 125 -0.48 -4.73 -20.70
N ARG B 126 -0.70 -3.73 -21.55
CA ARG B 126 0.29 -3.44 -22.59
C ARG B 126 1.61 -2.99 -21.99
N VAL B 127 1.57 -2.25 -20.88
CA VAL B 127 2.80 -1.82 -20.22
C VAL B 127 3.48 -3.00 -19.53
N ILE B 128 2.71 -3.78 -18.77
CA ILE B 128 3.23 -4.96 -18.07
C ILE B 128 3.94 -5.91 -19.02
N ASN B 129 3.32 -6.18 -20.17
CA ASN B 129 3.86 -7.15 -21.12
C ASN B 129 4.71 -6.49 -22.20
N GLY B 130 4.94 -5.19 -22.11
CA GLY B 130 5.75 -4.44 -23.03
C GLY B 130 6.97 -3.84 -22.37
N LYS B 131 7.61 -4.58 -21.45
CA LYS B 131 8.85 -4.15 -20.81
C LYS B 131 8.69 -2.88 -20.00
N GLY B 132 7.47 -2.60 -19.52
CA GLY B 132 7.21 -1.41 -18.72
C GLY B 132 7.16 -0.12 -19.52
N ARG B 133 7.10 -0.19 -20.85
CA ARG B 133 7.19 0.99 -21.69
C ARG B 133 5.81 1.62 -21.91
N HIS B 134 5.70 2.90 -21.56
CA HIS B 134 4.48 3.70 -21.67
C HIS B 134 4.83 4.93 -22.51
N SER B 135 4.53 4.86 -23.80
CA SER B 135 4.94 5.86 -24.76
C SER B 135 3.89 6.97 -24.84
N ILE B 136 4.37 8.22 -24.85
CA ILE B 136 3.53 9.39 -24.65
C ILE B 136 3.98 10.47 -25.62
N LYS B 137 3.06 10.97 -26.45
CA LYS B 137 3.39 12.03 -27.41
C LYS B 137 3.32 13.41 -26.78
N ILE B 138 4.42 14.15 -26.85
CA ILE B 138 4.43 15.56 -26.44
C ILE B 138 3.85 16.35 -27.60
N PRO B 139 2.74 17.07 -27.43
CA PRO B 139 2.16 17.80 -28.57
C PRO B 139 3.11 18.80 -29.21
N GLU B 140 3.01 18.93 -30.54
CA GLU B 140 3.88 19.85 -31.28
C GLU B 140 3.46 21.30 -31.08
N CYS B 141 2.19 21.52 -30.79
CA CYS B 141 1.57 22.84 -30.86
C CYS B 141 1.53 23.56 -29.53
N ILE B 142 2.06 22.98 -28.45
CA ILE B 142 2.08 23.68 -27.16
C ILE B 142 3.26 24.64 -27.08
N ALA B 143 3.19 25.53 -26.10
CA ALA B 143 4.28 26.46 -25.86
C ALA B 143 5.54 25.70 -25.43
N PRO B 144 6.72 26.21 -25.79
CA PRO B 144 7.97 25.60 -25.29
C PRO B 144 8.17 25.94 -23.81
N GLY B 145 9.10 25.22 -23.19
CA GLY B 145 9.62 25.60 -21.89
C GLY B 145 9.40 24.53 -20.84
N GLN B 146 9.33 24.98 -19.59
CA GLN B 146 9.34 24.07 -18.44
C GLN B 146 7.96 23.46 -18.23
N TYR B 147 7.92 22.15 -18.05
CA TYR B 147 6.70 21.40 -17.79
C TYR B 147 6.94 20.30 -16.77
N LEU B 148 5.88 19.92 -16.07
CA LEU B 148 5.81 18.63 -15.41
C LEU B 148 5.04 17.66 -16.31
N LEU B 149 5.50 16.41 -16.32
CA LEU B 149 4.83 15.30 -16.97
C LEU B 149 4.38 14.35 -15.89
N ARG B 150 3.08 14.13 -15.77
CA ARG B 150 2.50 13.21 -14.80
C ARG B 150 2.06 11.97 -15.56
N ALA B 151 2.76 10.86 -15.36
CA ALA B 151 2.41 9.58 -15.96
C ALA B 151 1.80 8.70 -14.87
N GLU B 152 0.74 7.98 -15.24
CA GLU B 152 -0.10 7.28 -14.28
C GLU B 152 -0.58 5.94 -14.82
N MET B 153 -0.63 4.97 -13.91
CA MET B 153 -1.35 3.73 -14.12
C MET B 153 -2.36 3.62 -12.98
N ILE B 154 -3.61 3.29 -13.30
CA ILE B 154 -4.64 3.07 -12.29
C ILE B 154 -4.98 1.58 -12.30
N ALA B 155 -4.79 0.92 -11.17
CA ALA B 155 -5.16 -0.49 -11.04
C ALA B 155 -6.57 -0.57 -10.45
N LEU B 156 -7.43 -1.34 -11.11
CA LEU B 156 -8.85 -1.37 -10.79
C LEU B 156 -9.33 -2.71 -10.22
N HIS B 157 -8.41 -3.63 -9.93
CA HIS B 157 -8.82 -4.93 -9.44
C HIS B 157 -9.54 -4.86 -8.11
N ALA B 158 -9.30 -3.83 -7.31
CA ALA B 158 -9.92 -3.66 -5.99
C ALA B 158 -10.81 -2.42 -5.97
N ALA B 159 -11.36 -2.02 -7.11
CA ALA B 159 -12.05 -0.74 -7.26
C ALA B 159 -13.56 -0.84 -7.25
N SER B 160 -14.11 -2.01 -6.90
N SER B 160 -14.13 -2.00 -6.91
CA SER B 160 -15.57 -2.16 -6.93
CA SER B 160 -15.58 -2.13 -6.97
C SER B 160 -16.24 -1.11 -6.08
C SER B 160 -16.27 -1.13 -6.06
N ASN B 161 -15.63 -0.75 -4.95
CA ASN B 161 -16.05 0.36 -4.12
C ASN B 161 -14.94 1.42 -4.09
N TYR B 162 -15.30 2.62 -3.65
CA TYR B 162 -14.31 3.67 -3.43
C TYR B 162 -14.31 4.01 -1.94
N PRO B 163 -13.14 4.04 -1.28
CA PRO B 163 -11.79 3.83 -1.84
C PRO B 163 -11.55 2.40 -2.28
N GLY B 164 -10.73 2.28 -3.31
CA GLY B 164 -10.38 0.98 -3.84
C GLY B 164 -9.46 1.06 -5.02
N ALA B 165 -9.78 1.94 -5.97
CA ALA B 165 -8.89 2.19 -7.10
C ALA B 165 -7.52 2.61 -6.58
N GLN B 166 -6.47 2.13 -7.28
CA GLN B 166 -5.09 2.35 -6.86
C GLN B 166 -4.40 3.19 -7.91
N PHE B 167 -3.98 4.40 -7.52
CA PHE B 167 -3.40 5.38 -8.43
C PHE B 167 -1.89 5.39 -8.24
N TYR B 168 -1.15 5.05 -9.30
CA TYR B 168 0.31 5.05 -9.29
C TYR B 168 0.75 6.13 -10.26
N MET B 169 1.44 7.15 -9.76
CA MET B 169 1.86 8.26 -10.61
C MET B 169 3.19 8.80 -10.14
N GLU B 170 3.92 9.36 -11.10
CA GLU B 170 5.12 10.13 -10.79
C GLU B 170 5.21 11.26 -11.80
N CYS B 171 5.91 12.32 -11.38
CA CYS B 171 6.12 13.50 -12.21
C CYS B 171 7.56 13.62 -12.67
N ALA B 172 7.71 13.80 -13.97
CA ALA B 172 8.99 14.08 -14.58
C ALA B 172 9.09 15.57 -14.88
N GLN B 173 10.32 16.04 -14.99
CA GLN B 173 10.67 17.45 -15.14
C GLN B 173 11.20 17.64 -16.55
N LEU B 174 10.48 18.43 -17.37
CA LEU B 174 10.78 18.56 -18.79
C LEU B 174 11.09 20.01 -19.18
N ASN B 175 11.95 20.10 -20.19
CA ASN B 175 12.22 21.32 -20.94
C ASN B 175 11.80 20.98 -22.37
N VAL B 176 10.62 21.45 -22.78
CA VAL B 176 10.10 21.19 -24.11
C VAL B 176 10.68 22.20 -25.08
N VAL B 177 11.40 21.72 -26.09
CA VAL B 177 12.02 22.57 -27.11
C VAL B 177 11.22 22.46 -28.39
N GLY B 178 11.02 23.58 -29.09
CA GLY B 178 10.41 23.54 -30.39
C GLY B 178 8.89 23.59 -30.44
N GLY B 179 8.21 23.70 -29.32
CA GLY B 179 6.76 23.85 -29.37
C GLY B 179 6.38 25.16 -30.04
N THR B 180 5.32 25.10 -30.87
CA THR B 180 4.94 26.29 -31.62
C THR B 180 4.08 27.25 -30.82
N GLY B 181 3.49 26.79 -29.72
CA GLY B 181 2.60 27.63 -28.95
C GLY B 181 1.32 28.01 -29.68
N ALA B 182 0.99 27.31 -30.76
CA ALA B 182 -0.20 27.63 -31.55
C ALA B 182 -1.49 27.41 -30.77
N LYS B 183 -1.47 26.53 -29.77
CA LYS B 183 -2.69 26.24 -29.04
C LYS B 183 -2.40 26.21 -27.55
N THR B 184 -3.34 26.72 -26.77
CA THR B 184 -3.23 26.75 -25.32
C THR B 184 -4.29 25.82 -24.72
N PRO B 185 -3.90 24.70 -24.12
CA PRO B 185 -4.90 23.72 -23.66
C PRO B 185 -5.79 24.26 -22.54
N SER B 186 -7.04 23.81 -22.52
N SER B 186 -7.03 23.80 -22.52
CA SER B 186 -7.83 23.91 -21.31
CA SER B 186 -7.84 23.91 -21.32
C SER B 186 -7.27 22.97 -20.26
C SER B 186 -7.27 22.98 -20.26
N THR B 187 -7.40 23.36 -19.00
CA THR B 187 -6.71 22.66 -17.91
C THR B 187 -7.64 22.25 -16.79
N VAL B 188 -7.15 21.27 -16.03
CA VAL B 188 -7.81 20.75 -14.83
C VAL B 188 -6.81 20.77 -13.67
N SER B 189 -7.33 20.50 -12.47
CA SER B 189 -6.55 20.50 -11.25
C SER B 189 -6.34 19.09 -10.73
N PHE B 190 -5.19 18.87 -10.13
CA PHE B 190 -4.97 17.71 -9.26
C PHE B 190 -4.54 18.22 -7.88
N PRO B 191 -5.31 17.91 -6.83
CA PRO B 191 -6.58 17.18 -6.86
C PRO B 191 -7.70 18.01 -7.49
N GLY B 192 -8.73 17.30 -7.95
CA GLY B 192 -9.94 17.93 -8.48
C GLY B 192 -10.47 17.21 -9.69
N ALA B 193 -9.57 16.74 -10.56
CA ALA B 193 -10.01 16.17 -11.83
C ALA B 193 -10.71 14.84 -11.65
N TYR B 194 -10.34 14.07 -10.63
CA TYR B 194 -10.96 12.78 -10.34
C TYR B 194 -11.83 12.89 -9.11
N SER B 195 -12.89 12.09 -9.09
N SER B 195 -12.89 12.08 -9.10
CA SER B 195 -13.74 11.94 -7.92
CA SER B 195 -13.78 11.93 -7.97
C SER B 195 -14.02 10.46 -7.71
C SER B 195 -14.03 10.45 -7.72
N GLY B 196 -14.27 10.11 -6.45
CA GLY B 196 -14.58 8.74 -6.08
C GLY B 196 -15.80 8.14 -6.75
N SER B 197 -16.71 8.97 -7.26
CA SER B 197 -17.90 8.47 -7.94
C SER B 197 -17.72 8.31 -9.45
N ASP B 198 -16.56 8.66 -9.99
CA ASP B 198 -16.37 8.59 -11.42
C ASP B 198 -16.58 7.16 -11.92
N PRO B 199 -17.16 6.97 -13.12
CA PRO B 199 -17.44 5.61 -13.60
C PRO B 199 -16.20 4.78 -13.90
N GLY B 200 -15.04 5.42 -14.06
CA GLY B 200 -13.78 4.72 -14.23
C GLY B 200 -12.98 4.57 -12.97
N VAL B 201 -13.49 5.06 -11.84
CA VAL B 201 -12.84 4.98 -10.54
C VAL B 201 -13.53 3.95 -9.64
N LYS B 202 -14.85 4.07 -9.48
CA LYS B 202 -15.65 3.10 -8.75
C LYS B 202 -16.28 2.17 -9.79
N ILE B 203 -15.74 0.97 -9.90
CA ILE B 203 -16.08 0.08 -11.01
C ILE B 203 -15.71 -1.33 -10.63
N SER B 204 -16.64 -2.26 -10.79
CA SER B 204 -16.33 -3.68 -10.78
C SER B 204 -15.84 -4.10 -12.16
N ILE B 205 -14.63 -4.64 -12.23
CA ILE B 205 -14.13 -5.14 -13.52
C ILE B 205 -14.50 -6.61 -13.66
N TYR B 206 -15.32 -7.13 -12.74
CA TYR B 206 -15.71 -8.53 -12.74
C TYR B 206 -17.19 -8.76 -13.03
N TRP B 207 -18.07 -7.91 -12.52
CA TRP B 207 -19.50 -8.23 -12.49
C TRP B 207 -20.36 -7.05 -13.00
N PRO B 208 -20.72 -7.05 -14.29
CA PRO B 208 -20.34 -8.00 -15.33
C PRO B 208 -18.97 -7.73 -15.94
N PRO B 209 -18.44 -8.69 -16.67
CA PRO B 209 -17.21 -8.47 -17.42
C PRO B 209 -17.30 -7.18 -18.22
N VAL B 210 -16.21 -6.46 -18.23
CA VAL B 210 -16.17 -5.10 -18.73
C VAL B 210 -15.76 -5.14 -20.20
N THR B 211 -16.53 -4.47 -21.06
CA THR B 211 -16.24 -4.41 -22.49
C THR B 211 -15.94 -3.01 -23.00
N SER B 212 -16.29 -1.97 -22.25
CA SER B 212 -15.90 -0.60 -22.53
C SER B 212 -15.57 0.06 -21.20
N TYR B 213 -14.80 1.14 -21.25
CA TYR B 213 -14.31 1.77 -20.02
C TYR B 213 -14.14 3.26 -20.25
N THR B 214 -14.58 4.07 -19.28
CA THR B 214 -14.45 5.53 -19.33
C THR B 214 -13.25 5.98 -18.49
N VAL B 215 -12.17 6.40 -19.14
CA VAL B 215 -10.99 6.84 -18.41
C VAL B 215 -11.33 8.11 -17.64
N PRO B 216 -10.95 8.23 -16.37
CA PRO B 216 -11.27 9.46 -15.64
C PRO B 216 -10.47 10.64 -16.18
N GLY B 217 -10.95 11.83 -15.85
CA GLY B 217 -10.27 13.04 -16.24
C GLY B 217 -10.83 13.64 -17.52
N PRO B 218 -10.20 14.72 -17.98
CA PRO B 218 -10.69 15.44 -19.15
C PRO B 218 -10.36 14.70 -20.43
N SER B 219 -10.91 15.19 -21.53
CA SER B 219 -10.55 14.62 -22.81
C SER B 219 -9.08 14.89 -23.12
N VAL B 220 -8.52 14.04 -23.98
CA VAL B 220 -7.14 14.21 -24.43
C VAL B 220 -7.02 15.49 -25.26
N PHE B 221 -6.03 16.30 -24.93
CA PHE B 221 -5.72 17.50 -25.71
C PHE B 221 -5.14 17.11 -27.06
N THR B 222 -5.60 17.77 -28.11
N THR B 222 -5.65 17.73 -28.12
CA THR B 222 -5.15 17.47 -29.46
CA THR B 222 -5.13 17.49 -29.46
C THR B 222 -4.93 18.77 -30.24
C THR B 222 -4.84 18.83 -30.15
N CYS B 223 -3.85 18.79 -31.02
CA CYS B 223 -3.48 19.97 -31.78
C CYS B 223 -4.45 20.27 -32.91
#